data_8YJC
#
_entry.id   8YJC
#
_cell.length_a   88.060
_cell.length_b   69.816
_cell.length_c   40.041
_cell.angle_alpha   90.000
_cell.angle_beta   107.690
_cell.angle_gamma   90.000
#
_symmetry.space_group_name_H-M   'C 1 2 1'
#
loop_
_entity.id
_entity.type
_entity.pdbx_description
1 polymer 'Multifunctional autoprocessing repeat-in-toxin (MARTX)'
2 non-polymer 'SODIUM ION'
3 non-polymer 'INOSITOL HEXAKISPHOSPHATE'
4 non-polymer 2-AMINO-2-HYDROXYMETHYL-PROPANE-1,3-DIOL
5 water water
#
_entity_poly.entity_id   1
_entity_poly.type   'polypeptide(L)'
_entity_poly.pdbx_seq_one_letter_code
;GSAMGSKAVDDTKEALAGGKILHNQNVNDWERVVVTPTADGGESRFDGQIIVQMENDDVVAKAAANLAGKHPESSVVVQI
DSDGNYRVVYGDPSKLDGKLRWQLVGHGRDDSESNNTRLSGYSADELAVKLAKFQQSFNQAENINNKPDHISIVGASLVS
DDKQKGFGHQFINAMDANGLRVDVSVRSSELAVDEAGRKHTKDANGDWVQKAENNKVSLSWDEQG
;
_entity_poly.pdbx_strand_id   A
#
loop_
_chem_comp.id
_chem_comp.type
_chem_comp.name
_chem_comp.formula
IHP non-polymer 'INOSITOL HEXAKISPHOSPHATE' 'C6 H18 O24 P6'
NA non-polymer 'SODIUM ION' 'Na 1'
TRS non-polymer 2-AMINO-2-HYDROXYMETHYL-PROPANE-1,3-DIOL 'C4 H12 N O3 1'
#
# COMPACT_ATOMS: atom_id res chain seq x y z
N THR A 12 -15.70 -13.44 3.21
CA THR A 12 -14.69 -13.73 4.22
C THR A 12 -13.45 -12.86 4.00
N LYS A 13 -12.90 -12.33 5.09
CA LYS A 13 -11.74 -11.45 5.00
C LYS A 13 -10.47 -12.29 4.95
N GLU A 14 -9.51 -11.86 4.15
CA GLU A 14 -8.20 -12.51 4.07
C GLU A 14 -7.14 -11.51 4.50
N ALA A 15 -6.40 -11.86 5.54
CA ALA A 15 -5.42 -10.94 6.09
C ALA A 15 -4.24 -10.73 5.14
N LEU A 16 -3.64 -9.56 5.24
CA LEU A 16 -2.39 -9.25 4.55
C LEU A 16 -1.19 -9.49 5.46
N ALA A 17 -1.16 -10.67 6.08
CA ALA A 17 -0.21 -11.00 7.14
C ALA A 17 0.73 -12.14 6.75
N GLY A 18 0.78 -12.49 5.47
CA GLY A 18 1.66 -13.55 5.01
C GLY A 18 1.08 -14.92 5.32
N GLY A 19 1.92 -15.93 5.15
CA GLY A 19 1.54 -17.32 5.32
C GLY A 19 1.84 -18.18 4.12
N LYS A 20 2.10 -17.60 2.96
CA LYS A 20 2.48 -18.32 1.75
C LYS A 20 3.79 -17.73 1.23
N ILE A 21 4.30 -18.32 0.16
CA ILE A 21 5.60 -17.91 -0.37
C ILE A 21 5.47 -16.58 -1.11
N LEU A 22 6.42 -15.70 -0.85
CA LEU A 22 6.50 -14.40 -1.52
C LEU A 22 6.92 -14.58 -2.97
N HIS A 23 6.16 -13.97 -3.88
CA HIS A 23 6.49 -13.95 -5.31
C HIS A 23 6.46 -12.49 -5.76
N ASN A 24 7.62 -11.83 -5.78
CA ASN A 24 7.69 -10.43 -6.16
C ASN A 24 8.56 -10.18 -7.40
N GLN A 25 8.89 -11.22 -8.15
CA GLN A 25 9.74 -11.04 -9.32
C GLN A 25 8.91 -11.08 -10.61
N ASN A 26 9.45 -10.42 -11.65
CA ASN A 26 8.98 -10.56 -13.04
C ASN A 26 7.53 -10.13 -13.24
N VAL A 27 7.32 -8.81 -13.16
CA VAL A 27 5.97 -8.24 -13.21
C VAL A 27 5.17 -8.69 -14.42
N ASN A 28 5.85 -8.93 -15.55
CA ASN A 28 5.12 -9.31 -16.75
C ASN A 28 4.48 -10.69 -16.64
N ASP A 29 4.84 -11.47 -15.62
CA ASP A 29 4.27 -12.78 -15.39
C ASP A 29 3.29 -12.82 -14.22
N TRP A 30 2.82 -11.65 -13.77
CA TRP A 30 1.87 -11.58 -12.66
C TRP A 30 0.44 -11.70 -13.19
N GLU A 31 -0.45 -12.14 -12.32
CA GLU A 31 -1.88 -12.10 -12.59
C GLU A 31 -2.37 -10.66 -12.66
N ARG A 32 -3.39 -10.43 -13.49
CA ARG A 32 -4.12 -9.16 -13.54
C ARG A 32 -5.57 -9.44 -13.21
N VAL A 33 -6.12 -8.72 -12.24
CA VAL A 33 -7.50 -8.95 -11.80
C VAL A 33 -8.39 -7.77 -12.19
N VAL A 34 -9.69 -8.06 -12.28
CA VAL A 34 -10.67 -7.07 -12.72
C VAL A 34 -10.97 -6.13 -11.57
N VAL A 35 -10.95 -4.83 -11.83
CA VAL A 35 -11.44 -3.83 -10.88
C VAL A 35 -12.92 -3.63 -11.15
N THR A 36 -13.72 -3.79 -10.11
CA THR A 36 -15.15 -3.48 -10.23
C THR A 36 -15.47 -2.19 -9.50
N PRO A 37 -15.82 -1.12 -10.22
CA PRO A 37 -16.09 0.15 -9.54
C PRO A 37 -17.29 0.03 -8.60
N THR A 38 -17.08 0.40 -7.34
CA THR A 38 -18.16 0.53 -6.37
C THR A 38 -18.54 2.01 -6.26
N ALA A 39 -19.84 2.27 -6.10
CA ALA A 39 -20.38 3.62 -6.21
C ALA A 39 -20.54 4.34 -4.88
N ASP A 40 -20.28 3.67 -3.76
CA ASP A 40 -20.53 4.25 -2.44
C ASP A 40 -19.25 4.63 -1.70
N GLY A 41 -18.19 4.96 -2.46
CA GLY A 41 -16.91 5.28 -1.86
C GLY A 41 -16.84 6.61 -1.14
N GLY A 42 -17.79 7.51 -1.42
CA GLY A 42 -17.76 8.79 -0.73
C GLY A 42 -16.65 9.71 -1.23
N GLU A 43 -16.38 10.73 -0.44
CA GLU A 43 -15.37 11.72 -0.79
C GLU A 43 -14.02 11.34 -0.21
N SER A 44 -12.97 11.73 -0.92
CA SER A 44 -11.60 11.51 -0.48
C SER A 44 -10.88 12.84 -0.48
N ARG A 45 -9.98 13.05 0.48
CA ARG A 45 -9.20 14.27 0.44
C ARG A 45 -8.18 14.26 -0.69
N PHE A 46 -7.96 13.12 -1.34
CA PHE A 46 -6.96 13.00 -2.38
C PHE A 46 -7.58 13.17 -3.74
N ASP A 47 -6.98 14.04 -4.56
CA ASP A 47 -7.45 14.24 -5.92
C ASP A 47 -7.20 13.02 -6.78
N GLY A 48 -6.15 12.25 -6.47
CA GLY A 48 -5.87 11.00 -7.16
C GLY A 48 -5.02 10.15 -6.27
N GLN A 49 -4.86 8.90 -6.68
CA GLN A 49 -4.03 8.00 -5.90
C GLN A 49 -3.47 6.90 -6.79
N ILE A 50 -2.32 6.36 -6.37
CA ILE A 50 -1.76 5.14 -6.94
C ILE A 50 -1.89 4.03 -5.91
N ILE A 51 -2.47 2.91 -6.33
CA ILE A 51 -2.43 1.69 -5.55
C ILE A 51 -1.25 0.89 -6.06
N VAL A 52 -0.28 0.64 -5.20
CA VAL A 52 0.97 0.01 -5.58
C VAL A 52 0.93 -1.44 -5.09
N GLN A 53 0.76 -2.37 -6.01
CA GLN A 53 0.69 -3.79 -5.70
C GLN A 53 2.11 -4.36 -5.73
N MET A 54 2.59 -4.84 -4.57
CA MET A 54 4.01 -5.14 -4.37
C MET A 54 4.35 -6.61 -4.50
N GLU A 55 3.38 -7.50 -4.70
CA GLU A 55 3.70 -8.91 -4.90
C GLU A 55 2.57 -9.58 -5.66
N ASN A 56 2.92 -10.70 -6.30
CA ASN A 56 2.01 -11.47 -7.16
C ASN A 56 1.33 -12.54 -6.30
N ASP A 57 0.33 -12.11 -5.56
CA ASP A 57 -0.41 -12.96 -4.62
C ASP A 57 -1.88 -12.59 -4.73
N ASP A 58 -2.75 -13.59 -4.71
CA ASP A 58 -4.16 -13.34 -4.99
C ASP A 58 -4.79 -12.41 -3.95
N VAL A 59 -4.45 -12.58 -2.67
CA VAL A 59 -5.03 -11.69 -1.65
C VAL A 59 -4.58 -10.25 -1.90
N VAL A 60 -3.29 -10.07 -2.20
CA VAL A 60 -2.76 -8.73 -2.47
C VAL A 60 -3.37 -8.13 -3.73
N ALA A 61 -3.47 -8.92 -4.80
CA ALA A 61 -4.00 -8.41 -6.06
C ALA A 61 -5.45 -7.99 -5.91
N LYS A 62 -6.25 -8.81 -5.22
CA LYS A 62 -7.65 -8.48 -5.00
C LYS A 62 -7.80 -7.25 -4.12
N ALA A 63 -6.97 -7.15 -3.07
CA ALA A 63 -7.02 -5.98 -2.19
C ALA A 63 -6.69 -4.70 -2.97
N ALA A 64 -5.65 -4.75 -3.81
CA ALA A 64 -5.31 -3.58 -4.61
C ALA A 64 -6.45 -3.19 -5.55
N ALA A 65 -7.05 -4.19 -6.23
CA ALA A 65 -8.15 -3.90 -7.14
C ALA A 65 -9.35 -3.32 -6.38
N ASN A 66 -9.63 -3.86 -5.21
CA ASN A 66 -10.78 -3.37 -4.44
C ASN A 66 -10.56 -1.94 -3.95
N LEU A 67 -9.33 -1.59 -3.55
CA LEU A 67 -9.06 -0.20 -3.18
C LEU A 67 -9.31 0.73 -4.37
N ALA A 68 -8.85 0.35 -5.55
CA ALA A 68 -9.07 1.19 -6.73
C ALA A 68 -10.56 1.32 -7.03
N GLY A 69 -11.32 0.23 -6.84
CA GLY A 69 -12.75 0.28 -7.10
C GLY A 69 -13.51 1.23 -6.20
N LYS A 70 -12.96 1.58 -5.04
CA LYS A 70 -13.63 2.53 -4.16
C LYS A 70 -13.63 3.93 -4.76
N HIS A 71 -12.60 4.29 -5.53
CA HIS A 71 -12.50 5.60 -6.18
C HIS A 71 -12.13 5.36 -7.64
N PRO A 72 -13.07 4.82 -8.42
CA PRO A 72 -12.71 4.24 -9.71
C PRO A 72 -12.28 5.24 -10.76
N GLU A 73 -12.59 6.52 -10.56
CA GLU A 73 -12.34 7.59 -11.51
C GLU A 73 -11.00 8.26 -11.30
N SER A 74 -10.35 8.05 -10.15
CA SER A 74 -9.15 8.80 -9.83
C SER A 74 -8.06 7.91 -9.24
N SER A 75 -8.13 6.61 -9.46
CA SER A 75 -7.17 5.64 -8.93
C SER A 75 -6.45 4.96 -10.09
N VAL A 76 -5.14 4.81 -9.93
CA VAL A 76 -4.29 4.09 -10.87
C VAL A 76 -3.66 2.93 -10.10
N VAL A 77 -3.74 1.71 -10.64
CA VAL A 77 -3.10 0.56 -10.00
C VAL A 77 -1.83 0.22 -10.77
N VAL A 78 -0.73 0.13 -10.05
CA VAL A 78 0.55 -0.26 -10.61
C VAL A 78 1.01 -1.54 -9.93
N GLN A 79 1.56 -2.46 -10.71
CA GLN A 79 2.29 -3.60 -10.19
C GLN A 79 3.77 -3.33 -10.39
N ILE A 80 4.58 -3.61 -9.37
CA ILE A 80 6.00 -3.33 -9.43
C ILE A 80 6.77 -4.51 -8.86
N ASP A 81 7.84 -4.94 -9.56
CA ASP A 81 8.56 -6.14 -9.17
C ASP A 81 9.90 -5.82 -8.49
N SER A 82 10.63 -6.88 -8.15
CA SER A 82 11.89 -6.75 -7.42
C SER A 82 12.98 -6.08 -8.25
N ASP A 83 12.84 -6.04 -9.57
CA ASP A 83 13.79 -5.33 -10.42
C ASP A 83 13.40 -3.88 -10.65
N GLY A 84 12.29 -3.42 -10.09
CA GLY A 84 11.83 -2.07 -10.34
C GLY A 84 11.04 -1.88 -11.62
N ASN A 85 10.75 -2.96 -12.35
CA ASN A 85 9.87 -2.84 -13.50
C ASN A 85 8.42 -2.73 -13.02
N TYR A 86 7.65 -1.89 -13.68
CA TYR A 86 6.27 -1.67 -13.27
C TYR A 86 5.37 -1.69 -14.49
N ARG A 87 4.09 -1.92 -14.25
CA ARG A 87 3.10 -1.74 -15.29
C ARG A 87 1.81 -1.22 -14.68
N VAL A 88 1.09 -0.43 -15.44
CA VAL A 88 -0.21 0.11 -15.02
C VAL A 88 -1.27 -0.91 -15.41
N VAL A 89 -2.06 -1.36 -14.44
CA VAL A 89 -3.09 -2.35 -14.70
C VAL A 89 -4.50 -1.81 -14.54
N TYR A 90 -4.64 -0.54 -14.16
CA TYR A 90 -5.95 0.11 -14.04
C TYR A 90 -5.72 1.61 -13.96
N GLY A 91 -6.60 2.38 -14.59
CA GLY A 91 -6.60 3.82 -14.47
C GLY A 91 -5.67 4.51 -15.45
N ASP A 92 -5.78 5.84 -15.49
CA ASP A 92 -5.01 6.67 -16.40
C ASP A 92 -4.09 7.57 -15.60
N PRO A 93 -2.78 7.44 -15.73
CA PRO A 93 -1.86 8.36 -15.02
C PRO A 93 -2.14 9.85 -15.17
N SER A 94 -2.82 10.27 -16.25
CA SER A 94 -3.11 11.70 -16.43
C SER A 94 -4.02 12.25 -15.34
N LYS A 95 -4.74 11.39 -14.63
CA LYS A 95 -5.57 11.82 -13.50
C LYS A 95 -4.75 12.16 -12.25
N LEU A 96 -3.45 11.88 -12.26
CA LEU A 96 -2.60 12.06 -11.09
C LEU A 96 -2.03 13.47 -11.12
N ASP A 97 -2.85 14.41 -10.69
CA ASP A 97 -2.52 15.80 -10.52
C ASP A 97 -3.23 16.24 -9.26
N GLY A 98 -2.53 16.98 -8.41
CA GLY A 98 -3.13 17.44 -7.19
C GLY A 98 -2.60 16.72 -5.97
N LYS A 99 -3.43 16.63 -4.93
CA LYS A 99 -3.03 15.99 -3.69
C LYS A 99 -3.16 14.47 -3.84
N LEU A 100 -2.04 13.77 -3.76
CA LEU A 100 -1.99 12.36 -4.10
C LEU A 100 -1.68 11.49 -2.89
N ARG A 101 -2.29 10.32 -2.86
CA ARG A 101 -1.96 9.25 -1.94
C ARG A 101 -1.38 8.07 -2.73
N TRP A 102 -0.45 7.36 -2.12
CA TRP A 102 -0.11 6.02 -2.57
C TRP A 102 -0.58 5.05 -1.50
N GLN A 103 -1.31 4.00 -1.88
CA GLN A 103 -1.63 2.90 -0.96
C GLN A 103 -0.77 1.70 -1.37
N LEU A 104 0.14 1.28 -0.48
CA LEU A 104 1.06 0.19 -0.78
C LEU A 104 0.44 -1.10 -0.28
N VAL A 105 0.26 -2.08 -1.17
CA VAL A 105 -0.44 -3.31 -0.83
C VAL A 105 0.54 -4.48 -0.92
N GLY A 106 0.64 -5.23 0.17
CA GLY A 106 1.51 -6.40 0.22
C GLY A 106 1.27 -7.11 1.53
N HIS A 107 1.87 -8.28 1.66
CA HIS A 107 1.84 -8.98 2.94
C HIS A 107 2.95 -8.45 3.84
N GLY A 108 2.60 -8.15 5.09
CA GLY A 108 3.61 -7.91 6.11
C GLY A 108 4.07 -9.24 6.70
N ARG A 109 5.38 -9.36 6.89
CA ARG A 109 5.98 -10.59 7.38
C ARG A 109 7.20 -10.26 8.23
N ASP A 110 7.79 -11.32 8.80
CA ASP A 110 9.06 -11.28 9.52
C ASP A 110 8.94 -10.53 10.85
N ASP A 111 8.22 -11.16 11.78
CA ASP A 111 7.88 -10.59 13.07
C ASP A 111 9.11 -10.24 13.91
N SER A 112 8.90 -9.30 14.84
CA SER A 112 9.92 -8.80 15.75
C SER A 112 9.20 -8.20 16.95
N GLU A 113 9.99 -7.72 17.91
CA GLU A 113 9.41 -7.07 19.09
C GLU A 113 8.60 -5.85 18.71
N SER A 114 8.90 -5.22 17.57
CA SER A 114 8.14 -4.08 17.08
C SER A 114 7.24 -4.44 15.90
N ASN A 115 6.92 -5.73 15.76
CA ASN A 115 6.01 -6.28 14.75
C ASN A 115 6.76 -6.50 13.44
N ASN A 116 6.05 -6.52 12.31
CA ASN A 116 6.68 -6.99 11.08
C ASN A 116 7.79 -6.06 10.60
N THR A 117 8.78 -6.65 9.93
CA THR A 117 9.93 -5.92 9.43
C THR A 117 10.00 -5.87 7.91
N ARG A 118 9.13 -6.59 7.20
CA ARG A 118 9.20 -6.57 5.73
C ARG A 118 7.80 -6.52 5.12
N LEU A 119 7.65 -5.67 4.11
CA LEU A 119 6.45 -5.61 3.28
C LEU A 119 6.83 -6.15 1.91
N SER A 120 6.18 -7.25 1.51
CA SER A 120 6.48 -7.89 0.23
C SER A 120 7.97 -8.15 0.06
N GLY A 121 8.62 -8.53 1.16
CA GLY A 121 10.02 -8.89 1.14
C GLY A 121 10.99 -7.74 1.34
N TYR A 122 10.51 -6.50 1.42
CA TYR A 122 11.36 -5.32 1.48
C TYR A 122 11.42 -4.79 2.89
N SER A 123 12.65 -4.54 3.37
CA SER A 123 12.79 -3.77 4.60
C SER A 123 12.32 -2.34 4.35
N ALA A 124 12.17 -1.58 5.45
CA ALA A 124 11.74 -0.19 5.31
C ALA A 124 12.71 0.59 4.43
N ASP A 125 14.02 0.40 4.64
CA ASP A 125 15.02 1.11 3.84
C ASP A 125 14.91 0.71 2.38
N GLU A 126 14.79 -0.60 2.12
CA GLU A 126 14.70 -1.09 0.74
C GLU A 126 13.44 -0.59 0.05
N LEU A 127 12.32 -0.59 0.78
CA LEU A 127 11.06 -0.11 0.20
C LEU A 127 11.17 1.34 -0.21
N ALA A 128 11.78 2.18 0.64
CA ALA A 128 11.94 3.58 0.32
C ALA A 128 12.75 3.77 -0.97
N VAL A 129 13.84 3.01 -1.12
CA VAL A 129 14.66 3.13 -2.32
C VAL A 129 13.85 2.73 -3.55
N LYS A 130 13.12 1.62 -3.45
CA LYS A 130 12.30 1.15 -4.57
C LYS A 130 11.28 2.22 -4.98
N LEU A 131 10.62 2.83 -4.00
CA LEU A 131 9.58 3.81 -4.31
C LEU A 131 10.19 5.09 -4.90
N ALA A 132 11.38 5.48 -4.42
CA ALA A 132 12.01 6.67 -4.97
C ALA A 132 12.39 6.46 -6.43
N LYS A 133 12.95 5.29 -6.75
CA LYS A 133 13.23 4.97 -8.15
C LYS A 133 11.95 4.95 -8.96
N PHE A 134 10.90 4.32 -8.42
CA PHE A 134 9.64 4.23 -9.14
C PHE A 134 9.08 5.61 -9.47
N GLN A 135 9.13 6.54 -8.51
CA GLN A 135 8.59 7.86 -8.77
C GLN A 135 9.25 8.48 -9.99
N GLN A 136 10.57 8.35 -10.10
CA GLN A 136 11.27 8.94 -11.25
C GLN A 136 10.97 8.17 -12.53
N SER A 137 10.94 6.83 -12.47
CA SER A 137 10.65 6.03 -13.65
C SER A 137 9.25 6.31 -14.18
N PHE A 138 8.26 6.34 -13.27
CA PHE A 138 6.88 6.60 -13.65
C PHE A 138 6.75 8.00 -14.23
N ASN A 139 7.39 8.98 -13.60
CA ASN A 139 7.31 10.35 -14.07
C ASN A 139 7.93 10.48 -15.45
N GLN A 140 9.01 9.73 -15.71
CA GLN A 140 9.69 9.75 -17.00
C GLN A 140 8.87 9.04 -18.08
N ALA A 141 8.29 7.88 -17.75
CA ALA A 141 7.60 7.10 -18.77
C ALA A 141 6.18 7.62 -19.03
N GLU A 142 5.51 8.11 -17.99
CA GLU A 142 4.14 8.60 -18.11
C GLU A 142 4.06 10.11 -18.28
N ASN A 143 5.16 10.84 -18.12
CA ASN A 143 5.17 12.30 -18.18
C ASN A 143 4.17 12.90 -17.20
N ILE A 144 4.37 12.58 -15.92
CA ILE A 144 3.42 12.92 -14.87
C ILE A 144 4.18 13.05 -13.56
N ASN A 145 3.82 14.05 -12.76
CA ASN A 145 4.30 14.16 -11.39
C ASN A 145 3.39 13.32 -10.49
N ASN A 146 3.88 12.18 -10.03
CA ASN A 146 3.10 11.30 -9.16
C ASN A 146 3.47 11.46 -7.69
N LYS A 147 4.07 12.59 -7.33
CA LYS A 147 4.63 12.78 -6.00
C LYS A 147 3.53 12.70 -4.96
N PRO A 148 3.64 11.82 -3.99
CA PRO A 148 2.60 11.64 -2.98
C PRO A 148 2.75 12.59 -1.80
N ASP A 149 1.59 13.02 -1.28
CA ASP A 149 1.58 13.65 0.03
C ASP A 149 1.51 12.64 1.14
N HIS A 150 0.87 11.50 0.91
CA HIS A 150 0.53 10.54 1.95
C HIS A 150 0.72 9.13 1.43
N ILE A 151 1.30 8.28 2.27
CA ILE A 151 1.42 6.85 2.01
C ILE A 151 0.57 6.11 3.02
N SER A 152 -0.36 5.31 2.54
CA SER A 152 -1.10 4.38 3.39
C SER A 152 -0.49 2.98 3.22
N ILE A 153 0.07 2.43 4.29
CA ILE A 153 0.70 1.11 4.22
C ILE A 153 -0.38 0.07 4.44
N VAL A 154 -0.78 -0.62 3.37
CA VAL A 154 -1.83 -1.63 3.42
C VAL A 154 -1.19 -3.01 3.50
N GLY A 155 -0.67 -3.32 4.68
CA GLY A 155 -0.13 -4.62 5.02
C GLY A 155 -0.25 -4.78 6.51
N ALA A 156 -0.29 -6.02 6.97
CA ALA A 156 -0.52 -6.29 8.38
C ALA A 156 0.67 -5.92 9.26
N SER A 157 0.37 -5.30 10.40
CA SER A 157 1.28 -5.22 11.56
C SER A 157 2.66 -4.66 11.19
N LEU A 158 2.64 -3.47 10.61
CA LEU A 158 3.88 -2.81 10.18
C LEU A 158 4.22 -1.58 11.03
N VAL A 159 3.67 -1.50 12.24
CA VAL A 159 4.14 -0.59 13.27
C VAL A 159 3.93 -1.30 14.60
N SER A 160 4.68 -0.89 15.62
CA SER A 160 4.59 -1.55 16.91
C SER A 160 3.22 -1.33 17.55
N ASP A 161 2.87 -2.20 18.50
CA ASP A 161 1.56 -2.11 19.15
C ASP A 161 1.34 -0.73 19.77
N ASP A 162 2.37 -0.17 20.41
CA ASP A 162 2.20 1.14 21.01
C ASP A 162 2.35 2.28 20.02
N LYS A 163 2.58 1.97 18.74
CA LYS A 163 2.63 2.94 17.64
C LYS A 163 3.92 3.76 17.62
N GLN A 164 4.89 3.45 18.49
CA GLN A 164 6.08 4.28 18.64
C GLN A 164 7.30 3.78 17.90
N LYS A 165 7.33 2.53 17.47
CA LYS A 165 8.52 1.92 16.88
C LYS A 165 8.10 1.07 15.69
N GLY A 166 9.10 0.58 14.95
CA GLY A 166 8.88 -0.41 13.93
C GLY A 166 8.93 0.11 12.51
N PHE A 167 8.34 -0.69 11.62
CA PHE A 167 8.55 -0.50 10.18
C PHE A 167 8.10 0.89 9.74
N GLY A 168 6.92 1.33 10.17
CA GLY A 168 6.42 2.61 9.70
C GLY A 168 7.34 3.77 10.06
N HIS A 169 7.99 3.70 11.22
CA HIS A 169 8.92 4.75 11.64
C HIS A 169 10.20 4.74 10.82
N GLN A 170 10.78 3.55 10.61
CA GLN A 170 11.96 3.50 9.76
C GLN A 170 11.62 3.93 8.34
N PHE A 171 10.42 3.58 7.89
CA PHE A 171 10.02 3.87 6.53
C PHE A 171 9.84 5.37 6.29
N ILE A 172 9.16 6.07 7.20
CA ILE A 172 8.95 7.50 6.98
C ILE A 172 10.29 8.24 6.90
N ASN A 173 11.25 7.87 7.75
CA ASN A 173 12.58 8.47 7.70
C ASN A 173 13.33 8.09 6.42
N ALA A 174 13.28 6.82 6.03
CA ALA A 174 13.99 6.39 4.82
C ALA A 174 13.40 7.05 3.59
N MET A 175 12.08 7.23 3.56
CA MET A 175 11.46 7.91 2.43
C MET A 175 11.99 9.33 2.33
N ASP A 176 12.06 10.03 3.45
CA ASP A 176 12.58 11.39 3.44
C ASP A 176 14.03 11.42 2.99
N ALA A 177 14.84 10.46 3.45
CA ALA A 177 16.24 10.41 3.03
C ALA A 177 16.36 10.24 1.52
N ASN A 178 15.42 9.53 0.90
CA ASN A 178 15.40 9.29 -0.53
C ASN A 178 14.63 10.36 -1.30
N GLY A 179 14.24 11.45 -0.63
CA GLY A 179 13.66 12.60 -1.30
C GLY A 179 12.15 12.69 -1.28
N LEU A 180 11.46 11.80 -0.55
CA LEU A 180 10.01 11.76 -0.53
C LEU A 180 9.58 12.07 0.90
N ARG A 181 9.31 13.35 1.18
CA ARG A 181 8.72 13.72 2.46
C ARG A 181 7.22 13.48 2.39
N VAL A 182 6.75 12.53 3.20
CA VAL A 182 5.36 12.07 3.17
C VAL A 182 4.88 11.89 4.60
N ASP A 183 3.57 11.99 4.78
CA ASP A 183 2.91 11.40 5.93
C ASP A 183 2.67 9.91 5.66
N VAL A 184 2.60 9.12 6.72
CA VAL A 184 2.48 7.67 6.57
C VAL A 184 1.43 7.16 7.56
N SER A 185 0.41 6.50 7.06
CA SER A 185 -0.51 5.78 7.93
C SER A 185 -0.20 4.29 7.89
N VAL A 186 -0.27 3.64 9.04
CA VAL A 186 0.25 2.29 9.18
C VAL A 186 -0.45 1.62 10.36
N ARG A 187 -0.61 0.30 10.29
CA ARG A 187 -1.43 -0.45 11.24
C ARG A 187 -0.58 -1.41 12.05
N SER A 188 -0.91 -1.54 13.33
CA SER A 188 -0.18 -2.46 14.21
C SER A 188 -0.79 -3.85 14.26
N SER A 189 -1.97 -4.02 13.66
CA SER A 189 -2.76 -5.23 13.74
C SER A 189 -2.81 -5.91 12.37
N GLU A 190 -3.37 -7.10 12.34
CA GLU A 190 -3.72 -7.69 11.05
C GLU A 190 -4.70 -6.79 10.33
N LEU A 191 -4.71 -6.91 9.01
CA LEU A 191 -5.40 -5.97 8.14
C LEU A 191 -5.93 -6.74 6.93
N ALA A 192 -7.13 -6.37 6.48
CA ALA A 192 -7.73 -6.94 5.28
C ALA A 192 -8.47 -5.84 4.56
N VAL A 193 -8.71 -6.04 3.26
CA VAL A 193 -9.51 -5.14 2.44
C VAL A 193 -10.72 -5.90 1.92
N ASP A 194 -11.91 -5.31 2.04
CA ASP A 194 -13.13 -5.99 1.62
C ASP A 194 -13.46 -5.66 0.16
N GLU A 195 -14.58 -6.21 -0.32
CA GLU A 195 -14.99 -6.05 -1.71
C GLU A 195 -15.37 -4.61 -2.06
N ALA A 196 -15.66 -3.78 -1.07
CA ALA A 196 -15.92 -2.36 -1.28
C ALA A 196 -14.66 -1.52 -1.20
N GLY A 197 -13.50 -2.14 -1.02
CA GLY A 197 -12.27 -1.38 -0.87
C GLY A 197 -12.06 -0.78 0.50
N ARG A 198 -12.80 -1.24 1.51
CA ARG A 198 -12.66 -0.74 2.87
C ARG A 198 -11.79 -1.68 3.69
N LYS A 199 -11.05 -1.10 4.61
CA LYS A 199 -10.11 -1.84 5.42
C LYS A 199 -10.76 -2.34 6.71
N HIS A 200 -10.31 -3.52 7.14
CA HIS A 200 -10.71 -4.12 8.40
C HIS A 200 -9.43 -4.45 9.17
N THR A 201 -9.45 -4.24 10.50
CA THR A 201 -8.36 -4.65 11.37
C THR A 201 -8.89 -5.67 12.36
N LYS A 202 -7.99 -6.33 13.07
CA LYS A 202 -8.37 -7.31 14.08
C LYS A 202 -8.30 -6.67 15.45
N ASP A 203 -9.34 -6.89 16.25
CA ASP A 203 -9.35 -6.38 17.62
C ASP A 203 -8.63 -7.37 18.55
N ALA A 204 -8.60 -7.03 19.84
CA ALA A 204 -7.89 -7.87 20.80
C ALA A 204 -8.47 -9.29 20.87
N ASN A 205 -9.75 -9.45 20.52
CA ASN A 205 -10.39 -10.76 20.53
C ASN A 205 -10.12 -11.56 19.26
N GLY A 206 -9.41 -10.99 18.29
CA GLY A 206 -9.19 -11.67 17.03
C GLY A 206 -10.29 -11.52 16.01
N ASP A 207 -11.27 -10.64 16.26
CA ASP A 207 -12.38 -10.43 15.34
C ASP A 207 -12.08 -9.25 14.42
N TRP A 208 -12.52 -9.37 13.17
CA TRP A 208 -12.37 -8.29 12.20
C TRP A 208 -13.34 -7.17 12.52
N VAL A 209 -12.83 -5.93 12.54
CA VAL A 209 -13.63 -4.75 12.80
C VAL A 209 -13.23 -3.66 11.81
N GLN A 210 -14.10 -2.67 11.67
CA GLN A 210 -13.84 -1.52 10.83
C GLN A 210 -13.77 -0.25 11.67
N LYS A 211 -12.92 0.67 11.22
CA LYS A 211 -12.80 2.00 11.82
C LYS A 211 -12.32 1.94 13.26
N ALA A 212 -11.48 0.96 13.58
CA ALA A 212 -10.81 0.89 14.88
C ALA A 212 -9.58 1.78 14.79
N GLU A 213 -9.75 3.06 15.08
CA GLU A 213 -8.64 4.00 15.01
C GLU A 213 -7.48 3.58 15.90
N ASN A 214 -7.76 2.84 16.97
CA ASN A 214 -6.71 2.41 17.87
C ASN A 214 -5.70 1.48 17.21
N ASN A 215 -6.05 0.87 16.07
CA ASN A 215 -5.14 -0.03 15.39
C ASN A 215 -4.26 0.65 14.33
N LYS A 216 -4.35 1.96 14.17
CA LYS A 216 -3.61 2.67 13.15
C LYS A 216 -2.98 3.92 13.77
N VAL A 217 -1.91 4.40 13.14
CA VAL A 217 -1.31 5.67 13.49
C VAL A 217 -0.96 6.39 12.20
N SER A 218 -1.04 7.71 12.23
CA SER A 218 -0.62 8.56 11.12
C SER A 218 0.63 9.30 11.56
N LEU A 219 1.75 8.96 10.95
CA LEU A 219 3.03 9.59 11.25
C LEU A 219 3.23 10.79 10.34
N SER A 220 3.70 11.90 10.90
CA SER A 220 3.80 13.15 10.18
C SER A 220 5.12 13.82 10.51
N TRP A 221 5.28 15.03 9.99
CA TRP A 221 6.46 15.85 10.25
C TRP A 221 6.02 17.16 10.89
NA NA B . -13.62 9.55 2.47
C1 IHP C . -11.39 6.30 4.81
C2 IHP C . -10.47 7.28 4.10
C3 IHP C . -9.13 7.31 4.85
C4 IHP C . -8.49 5.92 4.94
C5 IHP C . -9.46 5.03 5.74
C6 IHP C . -10.76 4.92 4.93
O11 IHP C . -12.59 6.17 4.08
P1 IHP C . -13.92 7.00 4.56
O21 IHP C . -14.97 6.38 3.69
O31 IHP C . -13.69 8.46 4.26
O41 IHP C . -14.11 6.81 6.03
O12 IHP C . -10.20 6.84 2.79
P2 IHP C . -10.86 7.52 1.48
O22 IHP C . -11.19 6.37 0.59
O32 IHP C . -12.08 8.34 1.89
O42 IHP C . -9.79 8.38 0.85
O13 IHP C . -8.25 8.20 4.17
P3 IHP C . -7.48 9.42 4.99
O23 IHP C . -5.99 9.18 4.78
O33 IHP C . -7.84 9.39 6.45
O43 IHP C . -7.87 10.74 4.36
O14 IHP C . -7.30 6.03 5.68
P4 IHP C . -5.81 5.70 5.01
O24 IHP C . -5.49 6.82 4.02
O34 IHP C . -4.90 5.75 6.23
O44 IHP C . -5.86 4.38 4.31
O15 IHP C . -8.90 3.76 5.94
P5 IHP C . -8.95 3.09 7.44
O25 IHP C . -9.17 4.19 8.43
O35 IHP C . -10.08 2.09 7.45
O45 IHP C . -7.65 2.38 7.61
O16 IHP C . -11.66 4.09 5.63
P6 IHP C . -12.22 2.72 4.92
O26 IHP C . -11.33 1.61 5.39
O36 IHP C . -13.64 2.54 5.45
O46 IHP C . -12.16 2.84 3.42
C TRS D . 0.34 -15.42 10.73
C1 TRS D . 0.20 -15.70 9.23
C2 TRS D . -0.22 -14.02 11.01
C3 TRS D . 1.81 -15.49 11.15
N TRS D . -0.42 -16.39 11.50
O1 TRS D . 0.53 -17.03 8.95
O2 TRS D . -1.61 -14.04 10.82
O3 TRS D . 1.92 -15.40 12.55
H11 TRS D . -0.83 -15.52 8.94
H12 TRS D . 0.85 -15.04 8.68
H21 TRS D . 0.01 -13.73 12.03
H22 TRS D . 0.24 -13.31 10.33
H31 TRS D . 2.24 -16.43 10.82
H32 TRS D . 2.36 -14.67 10.70
HN1 TRS D . -0.01 -17.30 11.37
HN2 TRS D . -1.37 -16.41 11.18
HN3 TRS D . -0.39 -16.15 12.46
HO1 TRS D . 0.24 -17.26 8.09
HO2 TRS D . -1.93 -13.16 10.79
HO3 TRS D . 2.82 -15.35 12.80
#